data_7ZMZ
#
_entry.id   7ZMZ
#
_cell.length_a   89.046
_cell.length_b   89.046
_cell.length_c   116.683
_cell.angle_alpha   90.000
_cell.angle_beta   90.000
_cell.angle_gamma   120.000
#
_symmetry.space_group_name_H-M   'P 32 2 1'
#
loop_
_entity.id
_entity.type
_entity.pdbx_description
1 polymer Interleukin-2
2 polymer 'Interleukin-2 receptor subunit alpha'
#
loop_
_entity_poly.entity_id
_entity_poly.type
_entity_poly.pdbx_seq_one_letter_code
_entity_poly.pdbx_strand_id
1 'polypeptide(L)'
;GSAPTSSSTKKTQLQLEHLLLDLQMILNGINNYKNPKLHLMLSYGFYMPKKATELKHLQCLEEELKPLEEVLNLAQSKFN
HLRPRDLISNINVIVLELKGSETTFMCEYADETATIVEFLNRWITFCQSIISTLTAAAHHHHHHHH
;
A
2 'polypeptide(L)'
;GAELCDDDPPEIPHATFKAMAYKEGTMLNCECKRGFRRIKSGSLYMLCTGNSSHSSWDNQCQCTSSATRNTTKQVTPQPE
EQKERKTTEMQSPMQPVDQASLPGHCREPPPWENEATERIYHFVVGQMVYYQCVQGYRALHRGPAESVCKMTHGKTRWTQ
PQLICTGEMETSQFPGEEKPQASPEGRPESETSCLVTTTDFQIQTEMAATMETSIFTTEAAALEVLFQGPGAAGGGLNDI
FEAQKIEWHEHHHHHHHH
;
D
#
# COMPACT_ATOMS: atom_id res chain seq x y z
N SER A 6 22.92 32.37 -7.48
CA SER A 6 22.88 33.54 -6.61
C SER A 6 21.96 33.29 -5.42
N SER A 7 20.90 34.11 -5.30
CA SER A 7 19.95 33.95 -4.19
C SER A 7 18.89 32.90 -4.52
N SER A 8 18.45 32.89 -5.79
CA SER A 8 17.46 31.93 -6.25
C SER A 8 17.83 30.50 -5.85
N THR A 9 19.10 30.13 -6.08
CA THR A 9 19.55 28.77 -5.80
C THR A 9 19.44 28.44 -4.31
N LYS A 10 19.71 29.43 -3.45
CA LYS A 10 19.72 29.18 -2.02
C LYS A 10 18.30 29.00 -1.48
N LYS A 11 17.35 29.81 -1.97
CA LYS A 11 15.96 29.59 -1.60
C LYS A 11 15.46 28.22 -2.11
N THR A 12 15.92 27.83 -3.30
CA THR A 12 15.57 26.51 -3.82
C THR A 12 16.08 25.39 -2.90
N GLN A 13 17.36 25.46 -2.50
CA GLN A 13 17.87 24.35 -1.68
C GLN A 13 17.29 24.36 -0.27
N LEU A 14 16.78 25.51 0.19
CA LEU A 14 15.91 25.51 1.36
C LEU A 14 14.68 24.64 1.15
N GLN A 15 13.92 24.92 0.08
CA GLN A 15 12.72 24.12 -0.19
C GLN A 15 13.04 22.64 -0.27
N LEU A 16 14.18 22.31 -0.87
CA LEU A 16 14.61 20.91 -0.92
C LEU A 16 14.87 20.34 0.46
N GLU A 17 15.56 21.09 1.32
CA GLU A 17 15.81 20.60 2.68
C GLU A 17 14.50 20.25 3.38
N HIS A 18 13.49 21.10 3.22
CA HIS A 18 12.21 20.85 3.89
C HIS A 18 11.50 19.62 3.33
N LEU A 19 11.33 19.56 2.00
CA LEU A 19 10.80 18.35 1.39
C LEU A 19 11.54 17.11 1.87
N LEU A 20 12.86 17.23 2.03
CA LEU A 20 13.71 16.09 2.32
C LEU A 20 13.52 15.59 3.74
N LEU A 21 13.43 16.49 4.71
CA LEU A 21 13.14 16.04 6.08
C LEU A 21 11.73 15.49 6.19
N ASP A 22 10.76 16.12 5.53
CA ASP A 22 9.40 15.62 5.49
C ASP A 22 9.34 14.18 4.99
N LEU A 23 10.23 13.84 4.05
CA LEU A 23 10.33 12.45 3.60
C LEU A 23 11.12 11.58 4.59
N GLN A 24 12.14 12.19 5.21
CA GLN A 24 13.05 11.46 6.07
C GLN A 24 12.28 10.86 7.23
N MET A 25 11.36 11.64 7.77
CA MET A 25 10.62 11.24 8.96
C MET A 25 9.62 10.14 8.64
N ILE A 26 8.90 10.29 7.52
CA ILE A 26 8.00 9.22 7.06
C ILE A 26 8.75 7.90 6.96
N LEU A 27 9.89 7.90 6.25
CA LEU A 27 10.55 6.62 6.03
C LEU A 27 11.29 6.07 7.25
N ASN A 28 11.65 6.92 8.21
CA ASN A 28 12.06 6.35 9.51
C ASN A 28 10.87 5.73 10.22
N GLY A 29 9.72 6.40 10.21
CA GLY A 29 8.53 5.94 10.92
C GLY A 29 7.91 4.66 10.38
N ILE A 30 8.25 4.26 9.16
CA ILE A 30 7.76 3.01 8.61
C ILE A 30 8.83 1.92 8.55
N ASN A 31 10.11 2.27 8.41
CA ASN A 31 11.20 1.32 8.38
C ASN A 31 11.70 0.95 9.76
N ASN A 32 10.84 1.00 10.77
CA ASN A 32 11.18 0.60 12.12
C ASN A 32 10.62 -0.79 12.40
N TYR A 33 11.34 -1.56 13.22
CA TYR A 33 10.80 -2.85 13.63
C TYR A 33 9.54 -2.69 14.46
N LYS A 34 9.43 -1.59 15.22
CA LYS A 34 8.22 -1.54 16.04
C LYS A 34 6.98 -1.20 15.22
N ASN A 35 7.15 -1.21 13.91
CA ASN A 35 6.06 -1.14 12.95
C ASN A 35 5.68 -2.55 12.53
N PRO A 36 4.53 -3.06 12.96
CA PRO A 36 4.09 -4.37 12.47
C PRO A 36 3.78 -4.36 10.97
N LYS A 37 2.91 -3.44 10.56
CA LYS A 37 2.34 -3.44 9.21
C LYS A 37 3.38 -3.28 8.11
N LEU A 38 4.66 -3.08 8.48
CA LEU A 38 5.69 -2.74 7.49
C LEU A 38 5.70 -3.71 6.32
N HIS A 39 5.61 -5.01 6.61
CA HIS A 39 5.54 -6.00 5.54
C HIS A 39 4.37 -5.73 4.61
N LEU A 40 3.19 -5.50 5.18
CA LEU A 40 2.00 -5.29 4.35
C LEU A 40 2.17 -4.08 3.46
N MET A 41 2.86 -3.05 3.96
CA MET A 41 3.20 -1.92 3.12
C MET A 41 4.14 -2.33 1.99
N LEU A 42 5.34 -2.81 2.35
CA LEU A 42 6.33 -3.29 1.38
C LEU A 42 5.73 -4.18 0.29
N SER A 43 4.57 -4.78 0.57
CA SER A 43 3.92 -5.61 -0.44
C SER A 43 3.48 -4.81 -1.67
N TYR A 44 3.32 -3.49 -1.56
CA TYR A 44 2.85 -2.67 -2.68
C TYR A 44 4.02 -2.05 -3.44
N GLY A 45 3.88 -2.00 -4.76
CA GLY A 45 4.92 -1.50 -5.65
C GLY A 45 4.56 -0.14 -6.22
N PHE A 46 5.54 0.75 -6.28
CA PHE A 46 5.36 2.12 -6.70
C PHE A 46 6.13 2.37 -7.98
N TYR A 47 5.53 3.13 -8.91
CA TYR A 47 6.21 3.42 -10.15
C TYR A 47 7.37 4.38 -9.89
N MET A 48 8.52 4.10 -10.53
CA MET A 48 9.75 4.80 -10.24
C MET A 48 10.14 5.68 -11.42
N PRO A 49 10.81 6.80 -11.19
CA PRO A 49 11.20 7.66 -12.31
C PRO A 49 12.17 6.95 -13.25
N LYS A 50 12.00 7.20 -14.55
CA LYS A 50 12.93 6.67 -15.54
C LYS A 50 14.33 7.24 -15.33
N LYS A 51 14.42 8.38 -14.64
CA LYS A 51 15.64 9.07 -14.24
C LYS A 51 15.25 10.36 -13.53
N ALA A 52 15.96 10.74 -12.47
CA ALA A 52 15.65 11.97 -11.74
C ALA A 52 16.94 12.76 -11.54
N THR A 53 17.08 13.87 -12.26
CA THR A 53 18.23 14.76 -12.13
C THR A 53 17.88 16.24 -12.09
N GLU A 54 16.69 16.62 -12.50
CA GLU A 54 16.24 18.01 -12.57
C GLU A 54 14.88 18.11 -11.90
N LEU A 55 14.51 19.34 -11.54
CA LEU A 55 13.38 19.53 -10.61
C LEU A 55 12.05 19.11 -11.23
N LYS A 56 11.90 19.30 -12.55
CA LYS A 56 10.68 18.90 -13.25
C LYS A 56 10.32 17.44 -13.03
N HIS A 57 11.33 16.56 -12.91
CA HIS A 57 11.07 15.14 -12.68
C HIS A 57 10.22 14.91 -11.44
N LEU A 58 10.13 15.89 -10.54
CA LEU A 58 9.30 15.75 -9.36
C LEU A 58 7.85 15.45 -9.69
N GLN A 59 7.40 15.78 -10.91
CA GLN A 59 6.12 15.31 -11.40
C GLN A 59 5.88 13.85 -11.04
N CYS A 60 6.84 12.97 -11.39
CA CYS A 60 6.71 11.55 -11.04
C CYS A 60 6.41 11.38 -9.56
N LEU A 61 7.23 11.97 -8.69
CA LEU A 61 6.93 11.93 -7.27
C LEU A 61 5.50 12.41 -7.02
N GLU A 62 5.18 13.60 -7.53
CA GLU A 62 3.83 14.15 -7.35
C GLU A 62 2.78 13.09 -7.71
N GLU A 63 2.99 12.41 -8.84
CA GLU A 63 1.95 11.51 -9.31
C GLU A 63 1.72 10.38 -8.32
N GLU A 64 2.80 9.82 -7.78
CA GLU A 64 2.66 8.72 -6.85
C GLU A 64 2.18 9.16 -5.48
N LEU A 65 1.96 10.46 -5.26
CA LEU A 65 1.64 10.95 -3.92
C LEU A 65 0.38 10.32 -3.37
N LYS A 66 -0.67 10.16 -4.20
CA LYS A 66 -1.89 9.56 -3.71
C LYS A 66 -1.69 8.10 -3.29
N PRO A 67 -1.15 7.20 -4.13
CA PRO A 67 -0.88 5.83 -3.63
C PRO A 67 -0.08 5.82 -2.35
N LEU A 68 0.91 6.70 -2.25
CA LEU A 68 1.80 6.72 -1.09
C LEU A 68 1.05 6.97 0.19
N GLU A 69 0.16 7.96 0.22
CA GLU A 69 -0.63 8.14 1.44
C GLU A 69 -1.52 6.94 1.70
N GLU A 70 -2.02 6.28 0.64
CA GLU A 70 -2.78 5.06 0.86
C GLU A 70 -1.95 4.02 1.60
N VAL A 71 -0.62 4.05 1.43
CA VAL A 71 0.25 3.18 2.22
C VAL A 71 0.32 3.65 3.67
N LEU A 72 0.46 4.96 3.88
CA LEU A 72 0.71 5.42 5.25
C LEU A 72 -0.51 5.22 6.13
N ASN A 73 -1.71 5.43 5.58
CA ASN A 73 -2.95 5.14 6.30
C ASN A 73 -3.02 3.71 6.79
N LEU A 74 -2.17 2.82 6.25
CA LEU A 74 -2.10 1.45 6.77
C LEU A 74 -1.69 1.45 8.24
N ALA A 75 -0.64 2.19 8.59
CA ALA A 75 -0.27 2.32 10.00
C ALA A 75 -1.35 3.12 10.72
N GLN A 76 -2.02 2.49 11.70
CA GLN A 76 -3.10 3.17 12.40
C GLN A 76 -2.74 3.72 13.77
N SER A 77 -1.50 3.57 14.23
CA SER A 77 -1.15 4.25 15.46
C SER A 77 -0.84 5.69 15.09
N LYS A 78 0.39 6.12 15.37
CA LYS A 78 0.82 7.51 15.27
C LYS A 78 2.24 7.67 15.76
N PHE A 79 3.20 7.01 15.09
CA PHE A 79 4.60 7.25 15.44
C PHE A 79 4.85 8.74 15.53
N ASN A 80 4.49 9.49 14.49
CA ASN A 80 4.57 10.95 14.59
C ASN A 80 3.49 11.53 15.49
N HIS A 81 2.21 11.32 15.11
CA HIS A 81 1.00 11.90 15.70
C HIS A 81 0.74 13.24 14.99
N LEU A 82 0.02 13.15 13.87
CA LEU A 82 -0.12 14.18 12.86
C LEU A 82 -0.81 13.56 11.66
N ARG A 83 -2.05 14.01 11.35
CA ARG A 83 -2.82 13.53 10.21
C ARG A 83 -1.89 13.26 9.03
N PRO A 84 -1.91 12.07 8.43
CA PRO A 84 -1.02 11.82 7.29
C PRO A 84 -1.27 12.80 6.15
N ARG A 85 -2.51 13.28 6.01
CA ARG A 85 -2.84 14.30 5.01
C ARG A 85 -2.02 15.56 5.22
N ASP A 86 -1.66 15.87 6.47
CA ASP A 86 -0.87 17.06 6.74
C ASP A 86 0.53 16.94 6.13
N LEU A 87 1.25 15.86 6.48
CA LEU A 87 2.55 15.60 5.84
C LEU A 87 2.43 15.57 4.33
N ILE A 88 1.46 14.81 3.82
CA ILE A 88 1.34 14.64 2.37
C ILE A 88 1.06 15.96 1.68
N SER A 89 0.23 16.81 2.27
CA SER A 89 -0.16 18.06 1.62
C SER A 89 0.94 19.11 1.74
N ASN A 90 1.61 19.19 2.89
CA ASN A 90 2.80 20.03 3.00
C ASN A 90 3.82 19.65 1.93
N ILE A 91 4.07 18.35 1.79
CA ILE A 91 5.01 17.85 0.78
C ILE A 91 4.53 18.19 -0.62
N ASN A 92 3.22 18.03 -0.87
CA ASN A 92 2.66 18.36 -2.17
C ASN A 92 2.87 19.84 -2.51
N VAL A 93 2.60 20.72 -1.54
CA VAL A 93 2.80 22.15 -1.76
C VAL A 93 4.26 22.44 -2.09
N ILE A 94 5.19 21.84 -1.32
CA ILE A 94 6.60 22.05 -1.63
C ILE A 94 6.94 21.53 -3.04
N VAL A 95 6.32 20.42 -3.44
CA VAL A 95 6.58 19.86 -4.78
C VAL A 95 6.11 20.83 -5.86
N LEU A 96 4.92 21.40 -5.69
CA LEU A 96 4.43 22.37 -6.67
C LEU A 96 5.29 23.62 -6.70
N GLU A 97 5.77 24.06 -5.55
CA GLU A 97 6.70 25.19 -5.51
C GLU A 97 8.11 24.84 -6.04
N LEU A 98 8.30 23.68 -6.68
CA LEU A 98 9.59 23.27 -7.21
C LEU A 98 9.47 22.70 -8.62
N THR A 104 4.31 21.35 -13.52
CA THR A 104 3.50 20.98 -14.68
C THR A 104 4.41 20.51 -15.82
N PHE A 105 4.46 19.19 -16.04
CA PHE A 105 5.41 18.59 -16.97
C PHE A 105 5.06 17.11 -17.14
N MET A 106 5.77 16.45 -18.06
CA MET A 106 5.51 15.10 -18.51
C MET A 106 6.50 14.14 -17.85
N CYS A 107 6.01 13.03 -17.30
CA CYS A 107 6.87 12.12 -16.56
C CYS A 107 6.87 10.74 -17.21
N GLU A 108 8.07 10.22 -17.45
CA GLU A 108 8.26 8.84 -17.89
C GLU A 108 8.76 8.03 -16.70
N TYR A 109 8.19 6.85 -16.48
CA TYR A 109 8.62 6.02 -15.37
C TYR A 109 9.58 4.92 -15.78
N ALA A 110 10.15 4.30 -14.76
CA ALA A 110 10.93 3.09 -14.92
C ALA A 110 10.03 1.94 -15.32
N ASP A 111 10.65 0.91 -15.86
CA ASP A 111 9.93 -0.29 -16.27
C ASP A 111 9.31 -1.04 -15.09
N GLU A 112 9.99 -1.13 -13.95
CA GLU A 112 9.46 -1.87 -12.81
C GLU A 112 9.18 -1.01 -11.59
N THR A 113 8.12 -1.38 -10.86
CA THR A 113 7.79 -0.80 -9.58
C THR A 113 8.76 -1.27 -8.48
N ALA A 114 8.56 -0.71 -7.29
CA ALA A 114 9.51 -0.89 -6.21
C ALA A 114 8.81 -0.63 -4.88
N THR A 115 9.51 -0.99 -3.81
CA THR A 115 8.95 -0.87 -2.47
C THR A 115 8.86 0.59 -2.04
N ILE A 116 7.99 0.85 -1.06
CA ILE A 116 7.81 2.18 -0.51
C ILE A 116 9.16 2.70 0.00
N VAL A 117 9.89 1.83 0.71
CA VAL A 117 11.25 2.14 1.14
C VAL A 117 12.11 2.55 -0.04
N GLU A 118 12.03 1.78 -1.13
CA GLU A 118 12.89 2.02 -2.29
C GLU A 118 12.58 3.38 -2.92
N PHE A 119 11.28 3.61 -3.16
CA PHE A 119 10.76 4.90 -3.61
C PHE A 119 11.32 6.07 -2.81
N LEU A 120 11.20 5.98 -1.47
CA LEU A 120 11.56 7.12 -0.63
C LEU A 120 13.07 7.30 -0.54
N ASN A 121 13.82 6.21 -0.45
CA ASN A 121 15.27 6.29 -0.60
C ASN A 121 15.64 7.04 -1.87
N ARG A 122 14.98 6.71 -2.98
CA ARG A 122 15.29 7.34 -4.26
C ARG A 122 15.07 8.84 -4.22
N TRP A 123 13.88 9.28 -3.76
CA TRP A 123 13.63 10.72 -3.79
C TRP A 123 14.39 11.49 -2.71
N ILE A 124 14.73 10.84 -1.60
CA ILE A 124 15.55 11.48 -0.57
C ILE A 124 16.97 11.69 -1.08
N THR A 125 17.56 10.62 -1.63
CA THR A 125 18.81 10.74 -2.34
C THR A 125 18.75 11.83 -3.39
N PHE A 126 17.61 11.96 -4.07
CA PHE A 126 17.48 12.96 -5.12
C PHE A 126 17.55 14.38 -4.55
N CYS A 127 16.81 14.63 -3.48
CA CYS A 127 16.84 15.97 -2.88
C CYS A 127 18.23 16.33 -2.42
N GLN A 128 18.92 15.41 -1.73
CA GLN A 128 20.27 15.73 -1.29
C GLN A 128 21.24 15.87 -2.46
N SER A 129 21.04 15.06 -3.51
CA SER A 129 21.76 15.24 -4.76
C SER A 129 21.64 16.67 -5.23
N ILE A 130 20.42 17.15 -5.43
CA ILE A 130 20.20 18.44 -6.05
C ILE A 130 20.71 19.56 -5.16
N ILE A 131 20.54 19.43 -3.85
CA ILE A 131 21.10 20.43 -2.94
C ILE A 131 22.60 20.53 -3.12
N SER A 132 23.29 19.39 -3.08
CA SER A 132 24.74 19.39 -3.30
C SER A 132 25.09 19.97 -4.68
N THR A 133 24.27 19.70 -5.68
CA THR A 133 24.50 20.22 -7.03
C THR A 133 24.57 21.74 -7.04
N LEU A 134 23.55 22.39 -6.47
CA LEU A 134 23.36 23.82 -6.68
C LEU A 134 24.47 24.63 -6.01
N THR A 135 24.72 24.34 -4.72
CA THR A 135 25.69 25.10 -3.93
C THR A 135 27.10 25.11 -4.51
N ALA A 136 27.25 24.60 -5.73
CA ALA A 136 28.49 24.77 -6.49
C ALA A 136 28.58 26.21 -6.96
N ALA A 137 29.37 26.44 -8.03
CA ALA A 137 29.57 27.69 -8.78
C ALA A 137 31.05 28.05 -8.79
N ALA B 2 -12.33 -2.20 13.39
CA ALA B 2 -11.40 -1.17 12.91
C ALA B 2 -9.96 -1.66 12.89
N GLU B 3 -9.69 -2.77 13.56
CA GLU B 3 -8.34 -3.28 13.74
C GLU B 3 -8.00 -4.36 12.72
N LEU B 4 -6.91 -4.16 11.99
CA LEU B 4 -6.47 -5.04 10.91
C LEU B 4 -5.44 -6.06 11.37
N CYS B 5 -5.65 -7.31 10.96
CA CYS B 5 -4.62 -8.33 11.03
C CYS B 5 -3.36 -7.85 10.32
N ASP B 6 -2.25 -7.83 11.05
CA ASP B 6 -0.97 -7.52 10.42
C ASP B 6 -0.59 -8.60 9.41
N ASP B 7 -1.06 -9.82 9.63
CA ASP B 7 -0.70 -11.01 8.87
C ASP B 7 -1.87 -11.38 7.96
N ASP B 8 -1.57 -12.19 6.94
CA ASP B 8 -2.68 -12.73 6.18
C ASP B 8 -3.09 -14.09 6.72
N PRO B 9 -4.31 -14.54 6.41
CA PRO B 9 -4.77 -15.83 6.91
C PRO B 9 -3.83 -16.93 6.46
N PRO B 10 -3.75 -18.02 7.22
CA PRO B 10 -2.84 -19.11 6.86
C PRO B 10 -3.22 -19.73 5.52
N GLU B 11 -2.20 -20.25 4.84
CA GLU B 11 -2.41 -21.05 3.64
C GLU B 11 -2.51 -22.54 3.94
N ILE B 12 -3.43 -23.21 3.25
CA ILE B 12 -3.54 -24.65 3.20
C ILE B 12 -3.04 -25.08 1.83
N PRO B 13 -2.24 -26.15 1.74
CA PRO B 13 -1.95 -26.71 0.42
C PRO B 13 -3.21 -27.07 -0.33
N HIS B 14 -3.37 -26.50 -1.53
CA HIS B 14 -4.47 -26.81 -2.45
C HIS B 14 -5.82 -26.36 -1.88
N ALA B 15 -5.82 -25.21 -1.20
CA ALA B 15 -7.07 -24.69 -0.65
C ALA B 15 -7.10 -23.17 -0.75
N THR B 16 -8.32 -22.64 -0.79
CA THR B 16 -8.60 -21.23 -1.02
C THR B 16 -9.54 -20.73 0.08
N PHE B 17 -9.23 -19.58 0.64
CA PHE B 17 -9.99 -19.01 1.75
C PHE B 17 -10.72 -17.77 1.27
N LYS B 18 -12.04 -17.87 1.21
CA LYS B 18 -12.91 -16.75 0.84
C LYS B 18 -13.65 -16.24 2.08
N ALA B 19 -14.59 -15.32 1.89
CA ALA B 19 -15.29 -14.75 3.03
C ALA B 19 -16.75 -14.51 2.67
N MET B 20 -17.61 -14.61 3.68
CA MET B 20 -19.05 -14.41 3.50
C MET B 20 -19.51 -13.01 3.88
N ALA B 21 -18.75 -12.31 4.71
CA ALA B 21 -19.11 -10.96 5.14
C ALA B 21 -17.82 -10.18 5.32
N TYR B 22 -17.64 -9.15 4.50
CA TYR B 22 -16.42 -8.34 4.52
C TYR B 22 -16.60 -7.21 5.53
N LYS B 23 -15.95 -7.35 6.69
CA LYS B 23 -16.15 -6.42 7.80
C LYS B 23 -15.57 -5.04 7.55
N GLU B 24 -16.44 -4.03 7.71
CA GLU B 24 -16.11 -2.62 7.75
C GLU B 24 -14.68 -2.41 8.24
N GLY B 25 -13.78 -2.13 7.30
CA GLY B 25 -12.37 -2.14 7.60
C GLY B 25 -11.63 -2.94 6.55
N THR B 26 -12.24 -4.04 6.10
CA THR B 26 -11.64 -4.90 5.08
C THR B 26 -11.26 -4.10 3.84
N MET B 27 -10.06 -4.37 3.32
CA MET B 27 -9.58 -3.72 2.11
C MET B 27 -9.26 -4.76 1.04
N LEU B 28 -9.38 -4.34 -0.21
CA LEU B 28 -9.23 -5.19 -1.38
C LEU B 28 -8.17 -4.59 -2.30
N ASN B 29 -7.07 -5.31 -2.51
CA ASN B 29 -5.99 -4.80 -3.36
C ASN B 29 -6.47 -4.61 -4.80
N CYS B 30 -5.90 -3.60 -5.46
CA CYS B 30 -6.08 -3.40 -6.90
C CYS B 30 -4.96 -4.13 -7.61
N GLU B 31 -5.27 -5.32 -8.13
CA GLU B 31 -4.27 -6.22 -8.70
C GLU B 31 -4.68 -6.59 -10.12
N CYS B 32 -3.82 -6.26 -11.08
CA CYS B 32 -4.18 -6.38 -12.48
C CYS B 32 -3.71 -7.72 -13.04
N LYS B 33 -4.35 -8.12 -14.14
CA LYS B 33 -4.01 -9.31 -14.90
C LYS B 33 -2.52 -9.33 -15.24
N ARG B 34 -2.01 -10.53 -15.58
CA ARG B 34 -0.74 -10.63 -16.28
C ARG B 34 -0.69 -9.67 -17.46
N GLY B 35 0.30 -8.79 -17.43
CA GLY B 35 0.50 -7.82 -18.47
C GLY B 35 -0.10 -6.45 -18.20
N PHE B 36 -0.75 -6.25 -17.06
CA PHE B 36 -1.45 -4.99 -16.80
C PHE B 36 -0.97 -4.33 -15.51
N ARG B 37 -0.86 -3.01 -15.60
CA ARG B 37 -0.33 -2.16 -14.55
C ARG B 37 -1.40 -1.13 -14.20
N ARG B 38 -1.74 -0.99 -12.90
CA ARG B 38 -2.73 0.01 -12.50
C ARG B 38 -2.36 1.37 -13.08
N ILE B 39 -3.34 2.27 -13.21
CA ILE B 39 -3.02 3.56 -13.82
C ILE B 39 -1.96 4.24 -12.96
N LYS B 40 -1.17 5.10 -13.60
CA LYS B 40 -0.30 5.97 -12.84
C LYS B 40 -1.19 6.93 -12.06
N SER B 41 -0.82 7.23 -10.81
CA SER B 41 -1.72 7.91 -9.85
C SER B 41 -3.04 7.19 -9.65
N GLY B 42 -3.00 5.87 -9.65
CA GLY B 42 -4.18 5.08 -9.36
C GLY B 42 -4.20 4.59 -7.93
N SER B 43 -5.39 4.18 -7.50
CA SER B 43 -5.53 3.59 -6.18
C SER B 43 -4.81 2.25 -6.13
N LEU B 44 -4.07 2.02 -5.04
CA LEU B 44 -3.45 0.73 -4.80
C LEU B 44 -4.44 -0.30 -4.28
N TYR B 45 -5.52 0.16 -3.63
CA TYR B 45 -6.51 -0.72 -3.03
C TYR B 45 -7.80 0.07 -2.81
N MET B 46 -8.89 -0.68 -2.67
CA MET B 46 -10.20 -0.19 -2.26
C MET B 46 -10.45 -0.54 -0.80
N LEU B 47 -11.42 0.14 -0.19
CA LEU B 47 -11.66 0.01 1.24
C LEU B 47 -13.16 0.14 1.53
N CYS B 48 -13.57 -0.48 2.63
CA CYS B 48 -14.97 -0.55 3.05
C CYS B 48 -15.28 0.53 4.08
N THR B 49 -16.49 1.09 4.00
CA THR B 49 -16.92 2.13 4.92
C THR B 49 -18.43 2.05 5.16
N HIS B 54 -25.89 1.75 5.81
CA HIS B 54 -25.15 2.94 6.22
C HIS B 54 -23.65 2.74 6.12
N SER B 55 -23.21 1.89 5.17
CA SER B 55 -21.80 1.51 5.09
C SER B 55 -21.45 0.75 3.80
N SER B 56 -20.66 1.35 2.91
CA SER B 56 -20.27 0.72 1.66
C SER B 56 -18.83 1.09 1.31
N TRP B 57 -18.35 0.57 0.18
CA TRP B 57 -16.96 0.76 -0.24
C TRP B 57 -16.72 2.19 -0.72
N ASP B 58 -15.44 2.51 -0.97
CA ASP B 58 -15.06 3.75 -1.64
C ASP B 58 -13.71 3.55 -2.32
N ASN B 59 -13.47 4.34 -3.38
CA ASN B 59 -12.40 4.20 -4.37
C ASN B 59 -12.67 3.09 -5.39
N GLN B 60 -11.90 3.09 -6.48
CA GLN B 60 -12.07 2.19 -7.61
C GLN B 60 -10.72 1.91 -8.25
N CYS B 61 -10.62 0.76 -8.93
CA CYS B 61 -9.39 0.32 -9.57
C CYS B 61 -9.44 0.59 -11.07
N GLN B 62 -8.26 0.70 -11.67
CA GLN B 62 -8.09 0.95 -13.09
C GLN B 62 -6.73 0.34 -13.49
N CYS B 63 -6.64 -0.29 -14.66
CA CYS B 63 -5.39 -0.90 -15.11
C CYS B 63 -5.11 -0.55 -16.58
N THR B 64 -3.83 -0.62 -16.95
CA THR B 64 -3.42 -0.35 -18.33
C THR B 64 -2.04 -0.93 -18.59
N SER B 65 -1.92 -1.67 -19.69
CA SER B 65 -0.63 -2.09 -20.22
C SER B 65 0.18 -0.91 -20.74
N PRO B 103 -25.25 -4.44 5.78
CA PRO B 103 -25.54 -5.44 6.80
C PRO B 103 -24.51 -5.44 7.92
N GLY B 104 -24.13 -4.24 8.36
CA GLY B 104 -22.96 -4.06 9.19
C GLY B 104 -21.64 -4.15 8.43
N HIS B 105 -21.66 -4.68 7.21
CA HIS B 105 -20.45 -4.92 6.46
C HIS B 105 -20.68 -4.42 5.04
N CYS B 106 -19.59 -4.21 4.31
CA CYS B 106 -19.72 -4.08 2.87
C CYS B 106 -19.99 -5.44 2.26
N ARG B 107 -20.22 -5.45 0.96
CA ARG B 107 -20.55 -6.65 0.21
C ARG B 107 -19.57 -6.77 -0.95
N GLU B 108 -19.45 -8.01 -1.47
CA GLU B 108 -18.48 -8.35 -2.50
C GLU B 108 -18.44 -7.29 -3.60
N PRO B 109 -17.33 -6.57 -3.72
CA PRO B 109 -17.28 -5.49 -4.71
C PRO B 109 -17.48 -6.04 -6.11
N PRO B 110 -18.08 -5.25 -6.99
CA PRO B 110 -18.15 -5.63 -8.40
C PRO B 110 -16.76 -5.66 -9.02
N PRO B 111 -16.60 -6.29 -10.17
CA PRO B 111 -15.28 -6.45 -10.76
C PRO B 111 -14.85 -5.21 -11.53
N TRP B 112 -13.58 -5.21 -11.94
CA TRP B 112 -13.04 -4.15 -12.77
C TRP B 112 -12.30 -4.73 -13.95
N GLU B 113 -12.11 -3.88 -14.96
CA GLU B 113 -11.51 -4.29 -16.23
C GLU B 113 -10.08 -4.78 -15.99
N ASN B 114 -9.79 -5.96 -16.53
CA ASN B 114 -8.43 -6.52 -16.54
C ASN B 114 -7.86 -6.75 -15.15
N GLU B 115 -8.72 -7.04 -14.17
CA GLU B 115 -8.20 -7.42 -12.86
C GLU B 115 -7.61 -8.82 -12.93
N ALA B 116 -6.48 -9.01 -12.23
CA ALA B 116 -5.93 -10.35 -12.05
C ALA B 116 -7.01 -11.28 -11.54
N THR B 117 -6.99 -12.51 -12.05
CA THR B 117 -7.98 -13.50 -11.65
C THR B 117 -8.11 -13.58 -10.14
N GLU B 118 -6.97 -13.70 -9.45
CA GLU B 118 -6.94 -13.98 -8.01
C GLU B 118 -7.18 -12.68 -7.24
N ARG B 119 -8.35 -12.54 -6.64
CA ARG B 119 -8.58 -11.40 -5.75
C ARG B 119 -7.66 -11.51 -4.52
N ILE B 120 -7.42 -10.36 -3.89
CA ILE B 120 -6.56 -10.29 -2.71
C ILE B 120 -7.16 -9.29 -1.71
N TYR B 121 -7.44 -9.74 -0.50
CA TYR B 121 -8.00 -8.90 0.54
C TYR B 121 -7.05 -8.83 1.72
N HIS B 122 -7.35 -7.93 2.66
CA HIS B 122 -6.78 -7.95 4.01
C HIS B 122 -7.90 -7.64 4.98
N PHE B 123 -7.89 -8.31 6.13
CA PHE B 123 -9.08 -8.40 6.96
C PHE B 123 -8.87 -7.81 8.35
N VAL B 124 -9.93 -7.18 8.86
CA VAL B 124 -9.95 -6.66 10.22
C VAL B 124 -10.34 -7.80 11.17
N VAL B 125 -10.13 -7.56 12.48
CA VAL B 125 -10.38 -8.63 13.44
C VAL B 125 -11.85 -8.99 13.45
N GLY B 126 -12.14 -10.21 13.93
CA GLY B 126 -13.47 -10.78 13.88
C GLY B 126 -13.92 -11.24 12.51
N GLN B 127 -13.08 -11.07 11.48
CA GLN B 127 -13.41 -11.56 10.15
C GLN B 127 -13.21 -13.07 10.12
N MET B 128 -14.24 -13.80 9.73
CA MET B 128 -14.08 -15.23 9.49
C MET B 128 -13.81 -15.48 8.01
N VAL B 129 -12.78 -16.27 7.74
CA VAL B 129 -12.40 -16.62 6.38
C VAL B 129 -12.51 -18.14 6.26
N TYR B 130 -13.30 -18.59 5.28
CA TYR B 130 -13.69 -19.98 5.11
C TYR B 130 -12.81 -20.64 4.04
N TYR B 131 -12.26 -21.80 4.36
CA TYR B 131 -11.39 -22.54 3.44
C TYR B 131 -12.16 -23.61 2.68
N GLN B 132 -11.85 -23.72 1.37
CA GLN B 132 -12.39 -24.74 0.47
C GLN B 132 -11.28 -25.32 -0.37
N CYS B 133 -11.38 -26.62 -0.67
CA CYS B 133 -10.32 -27.24 -1.46
C CYS B 133 -10.49 -26.90 -2.94
N VAL B 134 -9.38 -27.01 -3.68
CA VAL B 134 -9.34 -26.78 -5.12
C VAL B 134 -10.17 -27.84 -5.82
N GLN B 135 -10.41 -27.67 -7.11
CA GLN B 135 -10.95 -28.75 -7.91
C GLN B 135 -9.90 -29.86 -8.05
N GLY B 136 -10.39 -31.06 -8.33
CA GLY B 136 -9.50 -32.20 -8.40
C GLY B 136 -9.03 -32.66 -7.04
N TYR B 137 -9.40 -31.93 -5.98
CA TYR B 137 -9.01 -32.40 -4.66
C TYR B 137 -10.26 -32.58 -3.79
N ARG B 138 -10.04 -33.15 -2.61
CA ARG B 138 -11.08 -33.38 -1.62
C ARG B 138 -10.55 -33.31 -0.20
N ALA B 139 -11.39 -32.76 0.69
CA ALA B 139 -11.04 -32.37 2.04
C ALA B 139 -11.34 -33.47 3.06
N LEU B 140 -10.80 -33.27 4.26
CA LEU B 140 -10.81 -34.24 5.33
C LEU B 140 -11.22 -33.59 6.65
N HIS B 141 -11.08 -32.27 6.71
CA HIS B 141 -11.63 -31.38 7.76
C HIS B 141 -11.20 -31.84 9.16
N ARG B 142 -9.97 -32.31 9.32
CA ARG B 142 -9.72 -33.11 10.50
C ARG B 142 -9.57 -32.14 11.68
N GLY B 143 -10.65 -31.38 11.88
CA GLY B 143 -10.68 -30.14 12.64
C GLY B 143 -11.46 -29.07 11.87
N PRO B 144 -11.55 -27.84 12.39
CA PRO B 144 -12.38 -26.82 11.73
C PRO B 144 -11.73 -26.27 10.46
N ALA B 145 -12.55 -26.02 9.45
CA ALA B 145 -12.09 -25.48 8.18
C ALA B 145 -12.40 -23.98 8.07
N GLU B 146 -12.02 -23.18 9.07
CA GLU B 146 -12.13 -21.74 8.96
C GLU B 146 -11.07 -21.10 9.85
N SER B 147 -10.82 -19.82 9.63
CA SER B 147 -9.88 -19.06 10.47
C SER B 147 -10.47 -17.68 10.79
N VAL B 148 -9.95 -17.09 11.85
CA VAL B 148 -10.50 -15.85 12.41
C VAL B 148 -9.36 -14.93 12.83
N CYS B 149 -9.39 -13.69 12.33
CA CYS B 149 -8.52 -12.62 12.79
C CYS B 149 -8.82 -12.26 14.25
N LYS B 150 -7.92 -12.64 15.15
CA LYS B 150 -8.07 -12.44 16.58
C LYS B 150 -6.91 -11.64 17.13
N MET B 151 -7.17 -10.79 18.12
CA MET B 151 -6.10 -10.03 18.77
C MET B 151 -6.03 -10.45 20.22
N THR B 152 -4.84 -10.86 20.66
CA THR B 152 -4.60 -11.33 22.02
C THR B 152 -3.50 -10.48 22.65
N HIS B 153 -3.86 -9.73 23.70
CA HIS B 153 -2.96 -8.81 24.39
C HIS B 153 -2.22 -7.88 23.42
N GLY B 154 -2.91 -7.47 22.34
CA GLY B 154 -2.35 -6.53 21.40
C GLY B 154 -1.68 -7.11 20.18
N LYS B 155 -1.90 -8.39 19.87
CA LYS B 155 -1.16 -9.12 18.83
C LYS B 155 -2.17 -9.77 17.91
N THR B 156 -2.10 -9.48 16.62
CA THR B 156 -3.02 -10.08 15.66
C THR B 156 -2.52 -11.44 15.21
N ARG B 157 -3.46 -12.39 15.12
CA ARG B 157 -3.19 -13.81 14.91
C ARG B 157 -4.38 -14.39 14.15
N TRP B 158 -4.13 -15.48 13.44
CA TRP B 158 -5.20 -16.22 12.76
C TRP B 158 -5.27 -17.61 13.37
N THR B 159 -6.45 -17.96 13.89
CA THR B 159 -6.67 -19.32 14.38
C THR B 159 -6.31 -20.32 13.31
N GLN B 160 -5.47 -21.28 13.66
CA GLN B 160 -5.02 -22.26 12.69
C GLN B 160 -6.17 -23.15 12.25
N PRO B 161 -6.56 -23.13 10.99
CA PRO B 161 -7.52 -24.10 10.49
C PRO B 161 -6.89 -25.47 10.35
N GLN B 162 -7.75 -26.49 10.31
CA GLN B 162 -7.31 -27.88 10.28
C GLN B 162 -7.98 -28.55 9.08
N LEU B 163 -7.26 -28.60 7.95
CA LEU B 163 -7.80 -29.20 6.74
C LEU B 163 -6.66 -29.52 5.79
N ILE B 164 -6.90 -30.52 4.93
CA ILE B 164 -5.97 -30.90 3.88
C ILE B 164 -6.76 -31.65 2.82
N CYS B 165 -6.26 -31.63 1.59
CA CYS B 165 -7.02 -32.10 0.44
C CYS B 165 -6.25 -33.17 -0.33
N THR B 166 -6.90 -34.32 -0.56
CA THR B 166 -6.41 -35.37 -1.43
C THR B 166 -7.12 -35.28 -2.79
N GLY B 167 -6.65 -36.07 -3.75
CA GLY B 167 -7.21 -36.00 -5.09
C GLY B 167 -7.68 -37.31 -5.70
#